data_2OTM
#
_entry.id   2OTM
#
_cell.length_a   112.083
_cell.length_b   62.908
_cell.length_c   78.689
_cell.angle_alpha   90.000
_cell.angle_beta   93.240
_cell.angle_gamma   90.000
#
_symmetry.space_group_name_H-M   'C 1 2 1'
#
loop_
_entity.id
_entity.type
_entity.pdbx_description
1 polymer 'Hypothetical protein'
2 non-polymer 'CALCIUM ION'
3 non-polymer 'SODIUM ION'
4 non-polymer 'ACETATE ION'
5 non-polymer GLYCEROL
6 water water
#
_entity_poly.entity_id   1
_entity_poly.type   'polypeptide(L)'
_entity_poly.pdbx_seq_one_letter_code
;G(MSE)(MSE)NTPESRLVAAGLELPEVAAALGNYEPYSIVGSQL(MSE)TSGQFPYLQGKLLYQGQLGADYTVSEGYAA
CRLATLNAIAQLKQACGELSRIKQIYRLEGVLNVHQSCIEHPKALDGASDLLLEIFGEAGRHSR(MSE)IWTNPV(MSE)
PLNSLCLVYLFAEL
;
_entity_poly.pdbx_strand_id   A,B,C
#
# COMPACT_ATOMS: atom_id res chain seq x y z
N ASN A 4 -9.86 24.78 -20.57
CA ASN A 4 -8.64 24.46 -19.84
C ASN A 4 -8.73 23.01 -19.43
N THR A 5 -7.78 22.22 -19.88
CA THR A 5 -7.84 20.79 -19.72
C THR A 5 -6.51 20.36 -19.13
N PRO A 6 -6.39 19.11 -18.67
CA PRO A 6 -5.04 18.67 -18.28
C PRO A 6 -4.04 18.78 -19.40
N GLU A 7 -4.42 18.35 -20.60
CA GLU A 7 -3.51 18.41 -21.73
C GLU A 7 -3.07 19.84 -21.96
N SER A 8 -4.01 20.78 -21.93
CA SER A 8 -3.62 22.19 -22.18
C SER A 8 -2.74 22.73 -21.06
N ARG A 9 -2.96 22.22 -19.85
CA ARG A 9 -2.16 22.66 -18.72
C ARG A 9 -0.75 22.12 -18.81
N LEU A 10 -0.61 20.88 -19.30
CA LEU A 10 0.72 20.33 -19.57
C LEU A 10 1.46 21.19 -20.58
N VAL A 11 0.77 21.52 -21.66
CA VAL A 11 1.35 22.39 -22.68
C VAL A 11 1.79 23.70 -22.04
N ALA A 12 0.88 24.32 -21.31
CA ALA A 12 1.17 25.58 -20.65
C ALA A 12 2.38 25.48 -19.69
N ALA A 13 2.56 24.33 -19.06
CA ALA A 13 3.69 24.14 -18.13
C ALA A 13 4.97 23.76 -18.86
N GLY A 14 4.90 23.64 -20.18
CA GLY A 14 6.05 23.20 -20.97
C GLY A 14 6.41 21.74 -20.77
N LEU A 15 5.42 20.91 -20.45
CA LEU A 15 5.67 19.51 -20.16
C LEU A 15 5.18 18.63 -21.31
N GLU A 16 6.06 17.76 -21.79
CA GLU A 16 5.67 16.76 -22.77
C GLU A 16 5.54 15.44 -22.05
N LEU A 17 4.49 14.69 -22.37
CA LEU A 17 4.27 13.41 -21.74
C LEU A 17 5.29 12.42 -22.31
N PRO A 18 5.99 11.70 -21.44
CA PRO A 18 6.93 10.72 -21.97
C PRO A 18 6.21 9.53 -22.57
N GLU A 19 6.97 8.71 -23.29
CA GLU A 19 6.52 7.42 -23.73
C GLU A 19 6.37 6.55 -22.50
N VAL A 20 5.36 5.69 -22.52
CA VAL A 20 5.02 4.86 -21.37
C VAL A 20 6.01 3.72 -21.26
N ALA A 21 6.62 3.53 -20.09
CA ALA A 21 7.63 2.49 -19.90
C ALA A 21 6.96 1.11 -19.84
N ALA A 22 7.74 0.08 -20.14
CA ALA A 22 7.29 -1.32 -20.05
C ALA A 22 7.32 -1.79 -18.60
N ALA A 23 6.42 -2.72 -18.25
CA ALA A 23 6.47 -3.41 -16.95
C ALA A 23 7.85 -4.01 -16.70
N LEU A 24 8.28 -4.02 -15.42
CA LEU A 24 9.50 -4.75 -15.00
C LEU A 24 9.32 -6.27 -14.75
N GLY A 25 8.11 -6.77 -14.93
CA GLY A 25 7.77 -8.15 -14.59
C GLY A 25 6.49 -8.51 -15.33
N ASN A 26 5.88 -9.63 -14.95
CA ASN A 26 4.74 -10.16 -15.71
CA ASN A 26 4.74 -10.20 -15.67
C ASN A 26 3.42 -9.61 -15.16
N TYR A 27 3.28 -8.30 -15.26
CA TYR A 27 2.12 -7.61 -14.69
C TYR A 27 1.72 -6.49 -15.66
N GLU A 28 0.53 -5.98 -15.50
CA GLU A 28 -0.04 -4.94 -16.31
C GLU A 28 0.35 -3.56 -15.77
N PRO A 29 0.57 -2.59 -16.67
CA PRO A 29 0.87 -1.22 -16.25
C PRO A 29 -0.24 -0.53 -15.52
N TYR A 30 -1.48 -0.96 -15.75
CA TYR A 30 -2.62 -0.51 -14.95
C TYR A 30 -3.68 -1.60 -14.94
N SER A 31 -4.61 -1.52 -14.00
CA SER A 31 -5.78 -2.34 -14.06
C SER A 31 -6.98 -1.54 -13.60
N ILE A 32 -8.16 -2.09 -13.85
CA ILE A 32 -9.41 -1.38 -13.63
C ILE A 32 -10.35 -2.34 -12.93
N VAL A 33 -10.99 -1.85 -11.86
CA VAL A 33 -12.10 -2.58 -11.26
C VAL A 33 -13.19 -1.54 -11.05
N GLY A 34 -14.35 -1.80 -11.63
CA GLY A 34 -15.42 -0.83 -11.68
C GLY A 34 -14.96 0.46 -12.32
N SER A 35 -15.06 1.54 -11.56
CA SER A 35 -14.75 2.86 -12.03
C SER A 35 -13.37 3.29 -11.55
N GLN A 36 -12.58 2.33 -11.04
CA GLN A 36 -11.29 2.61 -10.44
C GLN A 36 -10.16 2.05 -11.27
N LEU A 37 -9.28 2.98 -11.72
CA LEU A 37 -8.10 2.67 -12.48
C LEU A 37 -6.89 2.86 -11.58
N THR A 39 -2.53 2.35 -11.42
CA THR A 39 -1.31 2.05 -12.12
C THR A 39 -0.46 1.13 -11.29
N SER A 40 0.45 0.43 -11.99
CA SER A 40 1.59 -0.15 -11.33
C SER A 40 2.64 0.93 -11.12
N GLY A 41 3.82 0.55 -10.65
CA GLY A 41 4.80 1.55 -10.24
C GLY A 41 5.35 2.36 -11.39
N GLN A 42 5.43 3.68 -11.23
CA GLN A 42 5.91 4.55 -12.31
C GLN A 42 7.20 5.22 -11.83
N PHE A 43 8.15 5.31 -12.74
CA PHE A 43 9.52 5.74 -12.41
C PHE A 43 9.84 7.07 -13.03
N PRO A 44 10.86 7.75 -12.48
CA PRO A 44 11.31 9.03 -13.07
C PRO A 44 12.20 8.84 -14.32
N TYR A 45 11.55 8.47 -15.40
CA TYR A 45 12.18 8.29 -16.70
C TYR A 45 12.09 9.57 -17.52
N LEU A 46 13.17 9.92 -18.21
CA LEU A 46 13.16 10.99 -19.20
C LEU A 46 13.89 10.45 -20.42
N GLN A 47 13.27 10.57 -21.58
CA GLN A 47 13.84 10.03 -22.83
C GLN A 47 14.35 8.62 -22.63
N GLY A 48 13.57 7.79 -21.94
CA GLY A 48 13.94 6.41 -21.73
C GLY A 48 15.06 6.14 -20.74
N LYS A 49 15.59 7.18 -20.08
CA LYS A 49 16.66 7.03 -19.07
C LYS A 49 16.09 7.23 -17.67
N LEU A 50 16.42 6.33 -16.75
CA LEU A 50 16.01 6.51 -15.34
C LEU A 50 16.92 7.56 -14.75
N LEU A 51 16.37 8.73 -14.46
CA LEU A 51 17.22 9.92 -14.15
C LEU A 51 17.74 10.02 -12.73
N TYR A 52 17.09 9.31 -11.81
CA TYR A 52 17.41 9.38 -10.39
C TYR A 52 17.61 7.98 -9.86
N GLN A 53 18.84 7.64 -9.60
CA GLN A 53 19.19 6.34 -9.03
C GLN A 53 20.01 6.52 -7.78
N GLY A 54 19.41 6.30 -6.63
CA GLY A 54 20.10 6.48 -5.36
C GLY A 54 19.13 6.84 -4.26
N GLN A 55 19.63 7.57 -3.28
CA GLN A 55 18.93 7.71 -2.01
C GLN A 55 18.85 9.15 -1.57
N LEU A 56 17.67 9.56 -1.13
CA LEU A 56 17.44 10.92 -0.68
C LEU A 56 18.28 11.19 0.57
N GLY A 57 19.01 12.30 0.56
CA GLY A 57 19.84 12.68 1.69
C GLY A 57 21.27 12.22 1.52
N ALA A 58 21.48 11.22 0.68
CA ALA A 58 22.81 10.69 0.47
C ALA A 58 23.33 11.04 -0.94
N ASP A 59 22.50 10.75 -1.95
CA ASP A 59 22.86 11.01 -3.34
C ASP A 59 22.10 12.19 -3.90
N TYR A 60 20.89 12.44 -3.40
CA TYR A 60 20.00 13.47 -3.91
C TYR A 60 19.49 14.36 -2.77
N THR A 61 19.40 15.65 -3.06
CA THR A 61 18.87 16.63 -2.14
C THR A 61 17.34 16.58 -2.18
N VAL A 62 16.70 17.26 -1.23
CA VAL A 62 15.25 17.30 -1.20
C VAL A 62 14.68 17.88 -2.49
N SER A 63 15.27 18.96 -3.01
CA SER A 63 14.75 19.57 -4.23
C SER A 63 14.90 18.62 -5.42
N GLU A 64 15.95 17.82 -5.42
CA GLU A 64 16.11 16.79 -6.45
C GLU A 64 15.07 15.67 -6.30
N GLY A 65 14.79 15.29 -5.06
CA GLY A 65 13.70 14.35 -4.79
C GLY A 65 12.36 14.86 -5.27
N TYR A 66 12.09 16.12 -5.01
CA TYR A 66 10.87 16.77 -5.54
C TYR A 66 10.80 16.67 -7.06
N ALA A 67 11.89 17.00 -7.72
CA ALA A 67 11.99 16.89 -9.19
C ALA A 67 11.76 15.45 -9.64
N ALA A 68 12.31 14.49 -8.91
CA ALA A 68 12.14 13.06 -9.25
C ALA A 68 10.69 12.61 -9.16
N CYS A 69 10.02 12.99 -8.07
CA CYS A 69 8.63 12.62 -7.86
C CYS A 69 7.71 13.29 -8.86
N ARG A 70 8.05 14.52 -9.22
CA ARG A 70 7.35 15.22 -10.31
C ARG A 70 7.49 14.46 -11.63
N LEU A 71 8.71 14.01 -11.96
CA LEU A 71 8.93 13.30 -13.22
C LEU A 71 8.26 11.92 -13.22
N ALA A 72 8.33 11.21 -12.10
CA ALA A 72 7.63 9.91 -12.00
C ALA A 72 6.13 10.11 -12.18
N THR A 73 5.61 11.21 -11.65
CA THR A 73 4.18 11.50 -11.76
C THR A 73 3.82 11.86 -13.22
N LEU A 74 4.70 12.57 -13.90
CA LEU A 74 4.50 12.84 -15.33
C LEU A 74 4.44 11.55 -16.13
N ASN A 75 5.29 10.61 -15.76
CA ASN A 75 5.21 9.26 -16.34
C ASN A 75 3.86 8.60 -16.05
N ALA A 76 3.40 8.69 -14.81
CA ALA A 76 2.13 8.11 -14.40
C ALA A 76 0.98 8.74 -15.20
N ILE A 77 1.02 10.05 -15.39
CA ILE A 77 -0.02 10.75 -16.18
C ILE A 77 0.00 10.28 -17.64
N ALA A 78 1.20 10.03 -18.18
CA ALA A 78 1.32 9.45 -19.50
C ALA A 78 0.58 8.11 -19.56
N GLN A 79 0.70 7.32 -18.49
CA GLN A 79 0.04 6.02 -18.45
C GLN A 79 -1.48 6.23 -18.43
N LEU A 80 -1.92 7.21 -17.65
CA LEU A 80 -3.35 7.47 -17.54
C LEU A 80 -3.95 7.93 -18.86
N LYS A 81 -3.19 8.75 -19.57
CA LYS A 81 -3.64 9.25 -20.84
C LYS A 81 -3.76 8.16 -21.89
N GLN A 82 -2.84 7.19 -21.83
CA GLN A 82 -2.91 6.01 -22.68
C GLN A 82 -4.16 5.20 -22.38
N ALA A 83 -4.49 5.00 -21.11
CA ALA A 83 -5.66 4.20 -20.75
C ALA A 83 -6.96 4.92 -21.11
N CYS A 84 -7.01 6.23 -20.89
CA CYS A 84 -8.30 6.95 -20.97
CA CYS A 84 -8.27 7.01 -20.94
C CYS A 84 -8.51 7.79 -22.23
N GLY A 85 -7.46 8.03 -22.98
CA GLY A 85 -7.54 8.76 -24.24
C GLY A 85 -7.57 10.27 -24.07
N GLU A 86 -8.52 10.74 -23.31
CA GLU A 86 -8.63 12.16 -22.97
C GLU A 86 -8.65 12.34 -21.45
N LEU A 87 -7.66 13.05 -20.91
CA LEU A 87 -7.48 13.16 -19.47
C LEU A 87 -8.65 13.90 -18.83
N SER A 88 -9.41 14.66 -19.61
CA SER A 88 -10.65 15.24 -19.07
C SER A 88 -11.67 14.22 -18.64
N ARG A 89 -11.60 12.99 -19.12
CA ARG A 89 -12.55 12.01 -18.76
C ARG A 89 -12.33 11.45 -17.35
N ILE A 90 -11.17 11.70 -16.77
CA ILE A 90 -10.89 11.29 -15.39
C ILE A 90 -11.67 12.21 -14.44
N LYS A 91 -12.52 11.58 -13.63
CA LYS A 91 -13.33 12.34 -12.66
C LYS A 91 -12.49 12.86 -11.51
N GLN A 92 -11.56 12.02 -11.03
CA GLN A 92 -10.63 12.43 -9.99
C GLN A 92 -9.44 11.50 -9.93
N ILE A 93 -8.29 12.08 -9.61
CA ILE A 93 -7.11 11.31 -9.15
CA ILE A 93 -7.16 11.26 -9.16
C ILE A 93 -7.25 11.33 -7.65
N TYR A 94 -7.86 10.30 -7.07
CA TYR A 94 -8.27 10.33 -5.69
C TYR A 94 -7.18 9.90 -4.72
N ARG A 95 -6.14 9.27 -5.24
CA ARG A 95 -5.09 8.76 -4.38
C ARG A 95 -3.73 8.72 -5.09
N LEU A 96 -2.72 9.14 -4.36
CA LEU A 96 -1.30 9.04 -4.77
C LEU A 96 -0.62 8.18 -3.73
N GLU A 97 0.19 7.21 -4.16
CA GLU A 97 0.98 6.41 -3.22
C GLU A 97 2.41 6.41 -3.76
N GLY A 98 3.33 6.88 -2.92
CA GLY A 98 4.75 7.07 -3.33
C GLY A 98 5.72 6.44 -2.38
N VAL A 99 6.78 5.84 -2.96
CA VAL A 99 7.85 5.19 -2.22
C VAL A 99 9.15 5.93 -2.57
N LEU A 100 9.92 6.25 -1.54
CA LEU A 100 11.24 6.83 -1.70
C LEU A 100 12.29 6.03 -0.97
N ASN A 101 13.53 6.01 -1.48
CA ASN A 101 14.65 5.48 -0.73
C ASN A 101 15.29 6.70 -0.05
N VAL A 102 15.34 6.64 1.28
CA VAL A 102 15.72 7.77 2.10
C VAL A 102 16.73 7.38 3.16
N HIS A 103 17.76 8.20 3.28
CA HIS A 103 18.82 8.03 4.26
C HIS A 103 18.31 8.41 5.66
N GLN A 104 18.82 7.74 6.68
CA GLN A 104 18.42 8.02 8.07
C GLN A 104 18.52 9.50 8.44
N SER A 105 19.49 10.21 7.87
CA SER A 105 19.71 11.63 8.20
C SER A 105 18.64 12.59 7.66
N CYS A 106 17.67 12.09 6.90
CA CYS A 106 16.69 12.93 6.23
C CYS A 106 15.28 12.52 6.60
N ILE A 107 14.43 13.42 7.10
CA ILE A 107 12.98 13.09 7.22
C ILE A 107 12.12 14.09 6.41
N GLU A 108 12.73 14.73 5.41
CA GLU A 108 12.00 15.68 4.57
C GLU A 108 11.45 15.04 3.32
N HIS A 109 11.29 13.71 3.34
CA HIS A 109 10.73 13.03 2.18
C HIS A 109 9.31 13.41 1.87
N PRO A 110 8.53 13.86 2.88
CA PRO A 110 7.23 14.34 2.48
C PRO A 110 7.33 15.54 1.52
N LYS A 111 8.34 16.39 1.69
CA LYS A 111 8.57 17.51 0.78
CA LYS A 111 8.51 17.50 0.78
C LYS A 111 8.93 17.01 -0.62
N ALA A 112 9.67 15.91 -0.68
CA ALA A 112 10.01 15.34 -1.98
C ALA A 112 8.73 14.83 -2.66
N LEU A 113 7.88 14.15 -1.93
CA LEU A 113 6.66 13.63 -2.54
C LEU A 113 5.67 14.71 -2.97
N ASP A 114 5.79 15.91 -2.40
CA ASP A 114 5.03 17.05 -2.88
C ASP A 114 5.31 17.33 -4.37
N GLY A 115 6.44 16.86 -4.90
CA GLY A 115 6.66 16.98 -6.33
C GLY A 115 5.56 16.32 -7.12
N ALA A 116 5.13 15.16 -6.62
CA ALA A 116 4.00 14.44 -7.18
C ALA A 116 2.67 15.13 -6.86
N SER A 117 2.41 15.43 -5.58
CA SER A 117 1.13 16.08 -5.20
C SER A 117 0.93 17.41 -5.94
N ASP A 118 1.98 18.23 -6.02
CA ASP A 118 1.86 19.53 -6.65
C ASP A 118 1.54 19.39 -8.15
N LEU A 119 2.15 18.43 -8.83
CA LEU A 119 1.90 18.30 -10.26
C LEU A 119 0.43 17.87 -10.51
N LEU A 120 -0.09 17.00 -9.65
CA LEU A 120 -1.46 16.54 -9.82
C LEU A 120 -2.43 17.71 -9.73
N LEU A 121 -2.18 18.60 -8.77
CA LEU A 121 -3.00 19.80 -8.62
C LEU A 121 -2.81 20.78 -9.79
N GLU A 122 -1.58 20.95 -10.22
CA GLU A 122 -1.27 21.86 -11.33
C GLU A 122 -1.94 21.38 -12.62
N ILE A 123 -1.97 20.08 -12.87
CA ILE A 123 -2.43 19.59 -14.14
C ILE A 123 -3.92 19.27 -14.13
N PHE A 124 -4.43 18.71 -13.05
CA PHE A 124 -5.83 18.29 -12.99
C PHE A 124 -6.75 19.26 -12.24
N GLY A 125 -6.18 20.27 -11.61
CA GLY A 125 -6.96 21.22 -10.82
C GLY A 125 -7.70 20.55 -9.69
N GLU A 126 -8.97 20.92 -9.51
CA GLU A 126 -9.78 20.32 -8.46
C GLU A 126 -9.90 18.79 -8.61
N ALA A 127 -9.86 18.30 -9.85
CA ALA A 127 -9.87 16.88 -10.09
C ALA A 127 -8.58 16.19 -9.64
N GLY A 128 -7.58 16.96 -9.24
CA GLY A 128 -6.32 16.42 -8.78
C GLY A 128 -6.15 16.37 -7.28
N ARG A 129 -7.17 16.76 -6.54
CA ARG A 129 -7.14 16.74 -5.10
CA ARG A 129 -7.11 16.74 -5.09
C ARG A 129 -7.20 15.28 -4.67
N HIS A 130 -6.24 14.85 -3.87
CA HIS A 130 -6.04 13.44 -3.57
C HIS A 130 -5.62 13.24 -2.14
N SER A 131 -5.93 12.06 -1.58
CA SER A 131 -5.29 11.59 -0.36
C SER A 131 -3.98 10.94 -0.78
N ARG A 132 -3.11 10.66 0.17
CA ARG A 132 -1.89 10.00 -0.19
C ARG A 132 -1.29 9.12 0.90
N ILE A 134 2.72 7.50 1.93
CA ILE A 134 4.12 7.66 1.68
C ILE A 134 4.85 6.53 2.38
N TRP A 135 5.86 5.98 1.74
CA TRP A 135 6.74 4.98 2.38
C TRP A 135 8.18 5.26 2.06
N THR A 136 9.06 4.77 2.93
CA THR A 136 10.45 4.66 2.60
C THR A 136 10.83 3.19 2.55
N ASN A 137 11.60 2.79 1.54
CA ASN A 137 12.03 1.40 1.43
C ASN A 137 13.55 1.44 1.24
N PRO A 138 14.28 0.48 1.81
CA PRO A 138 15.75 0.50 1.73
C PRO A 138 16.31 0.12 0.35
N VAL A 139 15.55 -0.64 -0.44
CA VAL A 139 16.04 -1.12 -1.74
C VAL A 139 14.92 -0.90 -2.74
N PRO A 141 13.47 -0.98 -7.00
CA PRO A 141 13.72 -1.56 -8.33
C PRO A 141 14.57 -0.56 -9.11
N LEU A 142 15.55 -1.08 -9.86
CA LEU A 142 16.45 -0.27 -10.70
C LEU A 142 17.27 0.76 -9.90
N ASN A 143 17.32 0.58 -8.59
CA ASN A 143 17.87 1.55 -7.67
C ASN A 143 17.25 2.93 -7.87
N SER A 144 15.98 2.96 -8.30
CA SER A 144 15.30 4.23 -8.46
C SER A 144 15.20 4.99 -7.14
N LEU A 145 15.28 6.32 -7.19
CA LEU A 145 15.09 7.13 -6.00
C LEU A 145 13.64 7.04 -5.53
N CYS A 146 12.72 6.86 -6.49
CA CYS A 146 11.32 6.91 -6.17
C CYS A 146 10.47 6.08 -7.10
N LEU A 147 9.26 5.80 -6.64
CA LEU A 147 8.23 5.08 -7.40
C LEU A 147 6.90 5.72 -7.01
N VAL A 148 6.05 5.96 -7.99
CA VAL A 148 4.77 6.62 -7.81
C VAL A 148 3.67 5.73 -8.38
N TYR A 149 2.53 5.69 -7.68
CA TYR A 149 1.38 4.93 -8.09
C TYR A 149 0.21 5.88 -7.99
N LEU A 150 -0.65 5.87 -9.01
CA LEU A 150 -1.85 6.73 -9.06
C LEU A 150 -3.12 5.89 -9.19
N PHE A 151 -4.18 6.42 -8.60
CA PHE A 151 -5.51 5.80 -8.60
C PHE A 151 -6.48 6.89 -9.10
N ALA A 152 -7.27 6.55 -10.11
CA ALA A 152 -8.17 7.48 -10.78
C ALA A 152 -9.57 6.91 -10.84
N GLU A 153 -10.56 7.79 -10.69
CA GLU A 153 -11.93 7.42 -10.90
C GLU A 153 -12.32 7.77 -12.34
N LEU A 154 -12.91 6.78 -13.03
CA LEU A 154 -13.31 6.85 -14.44
C LEU A 154 -14.83 6.97 -14.57
N ASN B 4 -12.17 -26.35 -17.16
CA ASN B 4 -10.93 -25.60 -17.10
C ASN B 4 -11.03 -24.55 -16.03
N THR B 5 -11.09 -25.02 -14.80
CA THR B 5 -11.20 -24.18 -13.63
C THR B 5 -9.78 -23.90 -13.12
N PRO B 6 -9.63 -22.86 -12.27
CA PRO B 6 -8.33 -22.65 -11.62
C PRO B 6 -7.90 -23.88 -10.82
N GLU B 7 -8.87 -24.52 -10.19
CA GLU B 7 -8.60 -25.74 -9.46
C GLU B 7 -7.98 -26.81 -10.36
N SER B 8 -8.49 -26.99 -11.60
CA SER B 8 -7.90 -28.00 -12.50
C SER B 8 -6.47 -27.65 -12.88
N ARG B 9 -6.19 -26.35 -13.00
CA ARG B 9 -4.85 -25.91 -13.34
C ARG B 9 -3.86 -26.12 -12.21
N LEU B 10 -4.32 -25.95 -10.97
CA LEU B 10 -3.51 -26.30 -9.80
C LEU B 10 -3.19 -27.80 -9.84
N VAL B 11 -4.20 -28.62 -10.11
CA VAL B 11 -3.99 -30.06 -10.20
C VAL B 11 -2.97 -30.34 -11.29
N ALA B 12 -3.18 -29.76 -12.47
CA ALA B 12 -2.27 -29.96 -13.59
C ALA B 12 -0.82 -29.53 -13.27
N ALA B 13 -0.67 -28.54 -12.40
CA ALA B 13 0.66 -28.04 -12.02
C ALA B 13 1.25 -28.83 -10.90
N GLY B 14 0.52 -29.83 -10.39
CA GLY B 14 0.95 -30.62 -9.25
C GLY B 14 0.97 -29.84 -7.94
N LEU B 15 0.10 -28.84 -7.82
CA LEU B 15 0.06 -27.99 -6.64
C LEU B 15 -1.16 -28.32 -5.79
N GLU B 16 -0.93 -28.55 -4.52
CA GLU B 16 -2.01 -28.77 -3.57
C GLU B 16 -2.12 -27.48 -2.78
N LEU B 17 -3.36 -27.02 -2.55
CA LEU B 17 -3.55 -25.80 -1.76
C LEU B 17 -3.28 -26.08 -0.29
N PRO B 18 -2.47 -25.22 0.36
CA PRO B 18 -2.26 -25.47 1.77
C PRO B 18 -3.47 -25.10 2.59
N GLU B 19 -3.45 -25.53 3.84
CA GLU B 19 -4.42 -25.07 4.82
C GLU B 19 -4.17 -23.60 5.07
N VAL B 20 -5.24 -22.84 5.24
CA VAL B 20 -5.15 -21.40 5.41
C VAL B 20 -4.62 -21.07 6.80
N ALA B 21 -3.57 -20.25 6.87
CA ALA B 21 -2.98 -19.88 8.14
C ALA B 21 -3.89 -18.92 8.93
N ALA B 22 -3.72 -18.93 10.23
CA ALA B 22 -4.42 -18.03 11.13
C ALA B 22 -3.81 -16.63 11.03
N ALA B 23 -4.62 -15.61 11.27
CA ALA B 23 -4.13 -14.23 11.41
C ALA B 23 -3.06 -14.12 12.51
N LEU B 24 -2.10 -13.20 12.34
CA LEU B 24 -1.11 -12.88 13.38
C LEU B 24 -1.57 -11.86 14.43
N GLY B 25 -2.80 -11.40 14.33
CA GLY B 25 -3.32 -10.40 15.25
C GLY B 25 -4.84 -10.36 15.10
N ASN B 26 -5.46 -9.29 15.57
CA ASN B 26 -6.92 -9.24 15.68
C ASN B 26 -7.60 -8.67 14.44
N TYR B 27 -7.35 -9.33 13.32
CA TYR B 27 -7.82 -8.91 11.99
C TYR B 27 -8.33 -10.12 11.21
N GLU B 28 -9.10 -9.83 10.16
CA GLU B 28 -9.70 -10.85 9.31
C GLU B 28 -8.72 -11.25 8.22
N PRO B 29 -8.66 -12.54 7.89
CA PRO B 29 -7.85 -12.98 6.75
C PRO B 29 -8.23 -12.38 5.42
N TYR B 30 -9.48 -11.97 5.27
CA TYR B 30 -9.89 -11.23 4.09
C TYR B 30 -11.06 -10.34 4.44
N SER B 31 -11.28 -9.33 3.60
CA SER B 31 -12.47 -8.53 3.70
C SER B 31 -13.08 -8.31 2.32
N ILE B 32 -14.33 -7.90 2.30
CA ILE B 32 -15.05 -7.66 1.05
C ILE B 32 -15.76 -6.32 1.16
N VAL B 33 -15.58 -5.48 0.14
CA VAL B 33 -16.32 -4.23 -0.02
C VAL B 33 -16.87 -4.24 -1.44
N GLY B 34 -18.19 -4.22 -1.54
CA GLY B 34 -18.82 -4.34 -2.84
C GLY B 34 -18.44 -5.64 -3.50
N SER B 35 -17.80 -5.51 -4.66
CA SER B 35 -17.35 -6.66 -5.43
C SER B 35 -15.83 -6.95 -5.24
N GLN B 36 -15.19 -6.26 -4.30
CA GLN B 36 -13.75 -6.33 -4.11
C GLN B 36 -13.42 -7.14 -2.87
N LEU B 37 -12.71 -8.24 -3.07
CA LEU B 37 -12.26 -9.13 -2.02
C LEU B 37 -10.75 -8.93 -1.87
N THR B 39 -7.20 -9.85 0.59
CA THR B 39 -6.62 -10.63 1.67
C THR B 39 -5.80 -9.75 2.61
N SER B 40 -5.55 -10.26 3.82
CA SER B 40 -4.49 -9.78 4.68
C SER B 40 -3.21 -10.50 4.19
N GLY B 41 -2.12 -10.33 4.91
CA GLY B 41 -0.82 -10.80 4.42
C GLY B 41 -0.70 -12.31 4.43
N GLN B 42 -0.16 -12.86 3.35
CA GLN B 42 -0.02 -14.30 3.15
C GLN B 42 1.45 -14.67 3.04
N PHE B 43 1.82 -15.73 3.75
CA PHE B 43 3.23 -16.12 3.94
C PHE B 43 3.55 -17.39 3.16
N PRO B 44 4.83 -17.64 2.93
CA PRO B 44 5.26 -18.86 2.27
C PRO B 44 5.35 -20.07 3.22
N TYR B 45 4.18 -20.58 3.56
CA TYR B 45 4.01 -21.73 4.41
C TYR B 45 3.87 -22.97 3.60
N LEU B 46 4.49 -24.05 4.08
CA LEU B 46 4.31 -25.35 3.49
C LEU B 46 4.18 -26.33 4.65
N GLN B 47 3.08 -27.06 4.69
CA GLN B 47 2.81 -27.98 5.79
C GLN B 47 2.96 -27.30 7.15
N GLY B 48 2.41 -26.09 7.25
CA GLY B 48 2.43 -25.34 8.50
C GLY B 48 3.77 -24.77 8.90
N LYS B 49 4.80 -24.94 8.05
CA LYS B 49 6.14 -24.39 8.35
C LYS B 49 6.44 -23.19 7.47
N LEU B 50 6.93 -22.11 8.06
CA LEU B 50 7.34 -20.92 7.32
C LEU B 50 8.65 -21.26 6.67
N LEU B 51 8.64 -21.43 5.36
CA LEU B 51 9.76 -22.07 4.69
C LEU B 51 10.93 -21.14 4.43
N TYR B 52 10.67 -19.84 4.35
CA TYR B 52 11.69 -18.84 4.03
C TYR B 52 11.71 -17.73 5.06
N GLN B 53 12.80 -17.70 5.82
CA GLN B 53 12.98 -16.71 6.85
C GLN B 53 14.34 -16.07 6.74
N GLY B 54 14.36 -14.84 6.29
CA GLY B 54 15.60 -14.16 6.08
C GLY B 54 15.44 -13.10 5.00
N GLN B 55 16.53 -12.80 4.31
CA GLN B 55 16.61 -11.65 3.44
C GLN B 55 17.14 -12.04 2.06
N LEU B 56 16.52 -11.50 1.04
CA LEU B 56 16.96 -11.73 -0.36
C LEU B 56 18.32 -11.15 -0.60
N GLY B 57 19.21 -11.94 -1.18
CA GLY B 57 20.56 -11.50 -1.44
C GLY B 57 21.54 -11.78 -0.32
N ALA B 58 21.04 -12.05 0.88
CA ALA B 58 21.90 -12.40 2.01
C ALA B 58 21.71 -13.89 2.39
N ASP B 59 20.47 -14.28 2.63
CA ASP B 59 20.12 -15.63 3.03
C ASP B 59 19.53 -16.44 1.89
N TYR B 60 18.92 -15.78 0.91
CA TYR B 60 18.22 -16.44 -0.20
C TYR B 60 18.60 -15.79 -1.52
N THR B 61 18.77 -16.64 -2.54
CA THR B 61 19.06 -16.20 -3.88
C THR B 61 17.77 -15.75 -4.57
N VAL B 62 17.90 -15.12 -5.73
CA VAL B 62 16.73 -14.63 -6.44
C VAL B 62 15.79 -15.77 -6.78
N SER B 63 16.31 -16.93 -7.24
CA SER B 63 15.46 -18.02 -7.61
C SER B 63 14.72 -18.58 -6.40
N GLU B 64 15.37 -18.54 -5.24
CA GLU B 64 14.72 -18.91 -3.98
C GLU B 64 13.62 -17.91 -3.60
N GLY B 65 13.88 -16.61 -3.78
CA GLY B 65 12.83 -15.59 -3.58
C GLY B 65 11.64 -15.81 -4.51
N TYR B 66 11.93 -16.15 -5.76
CA TYR B 66 10.87 -16.47 -6.73
C TYR B 66 9.99 -17.61 -6.19
N ALA B 67 10.64 -18.66 -5.74
CA ALA B 67 9.95 -19.83 -5.16
C ALA B 67 9.15 -19.41 -3.92
N ALA B 68 9.73 -18.50 -3.13
CA ALA B 68 9.04 -18.03 -1.94
C ALA B 68 7.78 -17.25 -2.26
N CYS B 69 7.86 -16.36 -3.24
CA CYS B 69 6.68 -15.58 -3.62
C CYS B 69 5.62 -16.43 -4.28
N ARG B 70 6.06 -17.46 -4.99
CA ARG B 70 5.15 -18.46 -5.55
C ARG B 70 4.40 -19.17 -4.43
N LEU B 71 5.11 -19.61 -3.39
CA LEU B 71 4.48 -20.34 -2.29
C LEU B 71 3.54 -19.44 -1.49
N ALA B 72 3.96 -18.21 -1.20
CA ALA B 72 3.06 -17.23 -0.53
C ALA B 72 1.78 -16.99 -1.34
N THR B 73 1.92 -16.97 -2.67
CA THR B 73 0.77 -16.75 -3.54
C THR B 73 -0.12 -17.99 -3.57
N LEU B 74 0.48 -19.18 -3.51
CA LEU B 74 -0.34 -20.39 -3.38
C LEU B 74 -1.15 -20.33 -2.10
N ASN B 75 -0.54 -19.87 -1.01
CA ASN B 75 -1.27 -19.63 0.24
C ASN B 75 -2.39 -18.61 0.07
N ALA B 76 -2.09 -17.50 -0.61
CA ALA B 76 -3.12 -16.49 -0.91
C ALA B 76 -4.29 -17.05 -1.72
N ILE B 77 -3.99 -17.93 -2.67
CA ILE B 77 -5.06 -18.58 -3.49
C ILE B 77 -5.90 -19.50 -2.62
N ALA B 78 -5.27 -20.19 -1.66
CA ALA B 78 -6.00 -20.98 -0.70
C ALA B 78 -6.97 -20.09 0.09
N GLN B 79 -6.52 -18.89 0.43
CA GLN B 79 -7.36 -17.97 1.18
C GLN B 79 -8.57 -17.55 0.33
N LEU B 80 -8.33 -17.30 -0.94
CA LEU B 80 -9.39 -16.88 -1.86
C LEU B 80 -10.39 -18.02 -2.02
N LYS B 81 -9.89 -19.23 -2.14
CA LYS B 81 -10.78 -20.38 -2.30
C LYS B 81 -11.69 -20.58 -1.09
N GLN B 82 -11.12 -20.34 0.09
CA GLN B 82 -11.92 -20.41 1.31
C GLN B 82 -13.02 -19.36 1.31
N ALA B 83 -12.71 -18.16 0.86
CA ALA B 83 -13.67 -17.10 0.79
C ALA B 83 -14.76 -17.34 -0.26
N CYS B 84 -14.41 -17.86 -1.44
CA CYS B 84 -15.45 -17.89 -2.49
CA CYS B 84 -15.31 -17.92 -2.62
C CYS B 84 -15.91 -19.27 -2.91
N GLY B 85 -15.28 -20.32 -2.38
CA GLY B 85 -15.74 -21.69 -2.62
C GLY B 85 -15.23 -22.29 -3.90
N GLU B 86 -15.51 -21.63 -5.02
CA GLU B 86 -15.09 -22.04 -6.33
C GLU B 86 -14.30 -20.88 -6.87
N LEU B 87 -13.04 -21.13 -7.21
CA LEU B 87 -12.16 -20.08 -7.73
C LEU B 87 -12.65 -19.56 -9.09
N SER B 88 -13.49 -20.32 -9.78
CA SER B 88 -14.17 -19.82 -10.99
C SER B 88 -15.02 -18.59 -10.77
N ARG B 89 -15.41 -18.37 -9.52
CA ARG B 89 -16.23 -17.21 -9.14
C ARG B 89 -15.46 -15.89 -9.18
N ILE B 90 -14.14 -15.98 -9.23
CA ILE B 90 -13.31 -14.77 -9.35
C ILE B 90 -13.32 -14.24 -10.77
N LYS B 91 -13.84 -13.03 -10.96
CA LYS B 91 -13.79 -12.38 -12.27
C LYS B 91 -12.38 -11.99 -12.68
N GLN B 92 -11.61 -11.47 -11.73
CA GLN B 92 -10.21 -11.13 -11.98
C GLN B 92 -9.47 -10.96 -10.69
N ILE B 93 -8.21 -11.33 -10.69
CA ILE B 93 -7.27 -10.93 -9.65
C ILE B 93 -6.64 -9.68 -10.19
N TYR B 94 -7.17 -8.52 -9.82
CA TYR B 94 -6.79 -7.28 -10.47
C TYR B 94 -5.53 -6.63 -9.88
N ARG B 95 -5.12 -7.08 -8.69
CA ARG B 95 -3.97 -6.46 -8.02
C ARG B 95 -3.24 -7.44 -7.14
N LEU B 96 -1.91 -7.41 -7.24
CA LEU B 96 -0.98 -8.14 -6.38
C LEU B 96 -0.13 -7.10 -5.67
N GLU B 97 0.02 -7.20 -4.34
CA GLU B 97 0.93 -6.31 -3.61
C GLU B 97 1.85 -7.20 -2.78
N GLY B 98 3.16 -7.06 -3.00
CA GLY B 98 4.15 -7.92 -2.37
C GLY B 98 5.22 -7.13 -1.64
N VAL B 99 5.66 -7.68 -0.51
CA VAL B 99 6.72 -7.13 0.30
C VAL B 99 7.81 -8.19 0.44
N LEU B 100 9.05 -7.76 0.30
CA LEU B 100 10.22 -8.61 0.50
C LEU B 100 11.21 -7.96 1.41
N ASN B 101 11.95 -8.77 2.16
CA ASN B 101 13.13 -8.27 2.88
C ASN B 101 14.33 -8.50 1.96
N VAL B 102 15.01 -7.40 1.57
CA VAL B 102 16.02 -7.45 0.51
C VAL B 102 17.29 -6.74 1.01
N HIS B 103 18.42 -7.40 0.81
CA HIS B 103 19.72 -6.83 1.14
C HIS B 103 20.11 -5.74 0.12
N GLN B 104 20.85 -4.73 0.56
CA GLN B 104 21.25 -3.62 -0.31
CA GLN B 104 21.25 -3.61 -0.32
C GLN B 104 21.96 -4.06 -1.60
N SER B 105 22.68 -5.16 -1.53
CA SER B 105 23.44 -5.65 -2.70
C SER B 105 22.57 -6.25 -3.81
N CYS B 106 21.24 -6.29 -3.61
CA CYS B 106 20.33 -6.97 -4.52
C CYS B 106 19.17 -6.04 -4.96
N ILE B 107 19.01 -5.77 -6.25
CA ILE B 107 17.80 -5.04 -6.70
C ILE B 107 16.96 -5.90 -7.65
N GLU B 108 17.15 -7.22 -7.59
CA GLU B 108 16.43 -8.14 -8.46
C GLU B 108 15.19 -8.66 -7.82
N HIS B 109 14.67 -7.96 -6.83
CA HIS B 109 13.45 -8.38 -6.19
C HIS B 109 12.24 -8.37 -7.10
N PRO B 110 12.20 -7.48 -8.11
CA PRO B 110 11.07 -7.69 -9.02
C PRO B 110 11.03 -9.09 -9.65
N LYS B 111 12.18 -9.69 -9.89
CA LYS B 111 12.23 -11.02 -10.44
C LYS B 111 11.72 -12.04 -9.43
N ALA B 112 11.98 -11.83 -8.15
CA ALA B 112 11.42 -12.66 -7.09
C ALA B 112 9.91 -12.55 -7.05
N LEU B 113 9.38 -11.33 -7.12
CA LEU B 113 7.94 -11.14 -7.11
C LEU B 113 7.21 -11.70 -8.32
N ASP B 114 7.95 -11.89 -9.42
CA ASP B 114 7.41 -12.62 -10.57
C ASP B 114 7.00 -14.05 -10.20
N GLY B 115 7.53 -14.60 -9.11
CA GLY B 115 7.04 -15.90 -8.63
C GLY B 115 5.55 -15.84 -8.32
N ALA B 116 5.11 -14.71 -7.75
CA ALA B 116 3.70 -14.46 -7.52
C ALA B 116 2.97 -14.18 -8.84
N SER B 117 3.45 -13.22 -9.61
CA SER B 117 2.76 -12.82 -10.85
C SER B 117 2.60 -13.99 -11.81
N ASP B 118 3.65 -14.80 -11.97
CA ASP B 118 3.60 -15.92 -12.92
C ASP B 118 2.57 -16.96 -12.46
N LEU B 119 2.46 -17.20 -11.16
CA LEU B 119 1.49 -18.20 -10.69
C LEU B 119 0.04 -17.71 -10.91
N LEU B 120 -0.18 -16.41 -10.72
CA LEU B 120 -1.52 -15.85 -10.94
C LEU B 120 -1.94 -16.08 -12.41
N LEU B 121 -1.03 -15.86 -13.33
CA LEU B 121 -1.29 -16.07 -14.75
C LEU B 121 -1.46 -17.55 -15.08
N GLU B 122 -0.64 -18.41 -14.48
CA GLU B 122 -0.71 -19.85 -14.71
C GLU B 122 -2.05 -20.42 -14.24
N ILE B 123 -2.52 -19.98 -13.08
CA ILE B 123 -3.66 -20.58 -12.47
C ILE B 123 -4.97 -19.93 -12.93
N PHE B 124 -4.97 -18.61 -13.10
CA PHE B 124 -6.21 -17.89 -13.47
C PHE B 124 -6.30 -17.50 -14.92
N GLY B 125 -5.24 -17.72 -15.67
CA GLY B 125 -5.23 -17.31 -17.07
C GLY B 125 -5.46 -15.84 -17.26
N GLU B 126 -6.33 -15.49 -18.20
CA GLU B 126 -6.60 -14.08 -18.47
C GLU B 126 -7.19 -13.40 -17.26
N ALA B 127 -7.91 -14.14 -16.43
CA ALA B 127 -8.45 -13.59 -15.17
C ALA B 127 -7.36 -13.29 -14.12
N GLY B 128 -6.12 -13.71 -14.38
CA GLY B 128 -5.00 -13.47 -13.50
C GLY B 128 -4.14 -12.28 -13.87
N ARG B 129 -4.51 -11.55 -14.91
CA ARG B 129 -3.76 -10.35 -15.33
CA ARG B 129 -3.73 -10.36 -15.31
C ARG B 129 -3.99 -9.26 -14.32
N HIS B 130 -2.91 -8.74 -13.76
CA HIS B 130 -3.00 -7.85 -12.62
C HIS B 130 -1.98 -6.74 -12.72
N SER B 131 -2.31 -5.59 -12.12
CA SER B 131 -1.31 -4.57 -11.79
C SER B 131 -0.63 -5.02 -10.50
N ARG B 132 0.47 -4.38 -10.14
CA ARG B 132 1.14 -4.76 -8.91
C ARG B 132 1.92 -3.65 -8.27
N ILE B 134 5.19 -3.24 -5.31
CA ILE B 134 6.27 -3.99 -4.69
C ILE B 134 6.92 -3.08 -3.67
N TRP B 135 7.26 -3.65 -2.51
CA TRP B 135 7.99 -2.92 -1.47
C TRP B 135 9.10 -3.80 -0.90
N THR B 136 10.15 -3.15 -0.38
CA THR B 136 11.07 -3.82 0.48
C THR B 136 10.93 -3.24 1.85
N ASN B 137 10.97 -4.10 2.86
CA ASN B 137 10.93 -3.63 4.26
C ASN B 137 12.05 -4.29 5.02
N PRO B 138 12.63 -3.59 6.00
CA PRO B 138 13.81 -4.13 6.70
C PRO B 138 13.50 -5.22 7.71
N VAL B 139 12.27 -5.21 8.22
CA VAL B 139 11.86 -6.15 9.28
C VAL B 139 10.51 -6.72 8.87
N PRO B 141 7.18 -9.71 9.55
CA PRO B 141 6.55 -10.55 10.57
C PRO B 141 7.10 -11.95 10.44
N LEU B 142 7.42 -12.58 11.58
CA LEU B 142 7.97 -13.93 11.64
C LEU B 142 9.33 -14.04 10.92
N ASN B 143 9.98 -12.91 10.64
CA ASN B 143 11.18 -12.90 9.83
CA ASN B 143 11.19 -12.88 9.83
C ASN B 143 11.00 -13.55 8.48
N SER B 144 9.77 -13.51 7.97
CA SER B 144 9.48 -14.03 6.65
C SER B 144 10.28 -13.32 5.57
N LEU B 145 10.69 -14.05 4.55
CA LEU B 145 11.33 -13.42 3.39
C LEU B 145 10.34 -12.53 2.63
N CYS B 146 9.06 -12.92 2.63
CA CYS B 146 8.10 -12.20 1.85
C CYS B 146 6.69 -12.27 2.40
N LEU B 147 5.88 -11.35 1.91
CA LEU B 147 4.47 -11.32 2.23
C LEU B 147 3.72 -10.94 0.96
N VAL B 148 2.58 -11.59 0.70
CA VAL B 148 1.79 -11.35 -0.49
C VAL B 148 0.36 -11.02 -0.10
N TYR B 149 -0.22 -10.05 -0.81
CA TYR B 149 -1.60 -9.64 -0.67
C TYR B 149 -2.23 -9.67 -2.05
N LEU B 150 -3.43 -10.24 -2.14
CA LEU B 150 -4.19 -10.31 -3.40
C LEU B 150 -5.51 -9.56 -3.26
N PHE B 151 -5.97 -9.03 -4.39
CA PHE B 151 -7.21 -8.31 -4.50
C PHE B 151 -7.95 -8.88 -5.71
N ALA B 152 -9.20 -9.28 -5.51
CA ALA B 152 -10.00 -10.00 -6.50
C ALA B 152 -11.33 -9.32 -6.67
N GLU B 153 -11.84 -9.38 -7.89
CA GLU B 153 -13.19 -8.91 -8.22
C GLU B 153 -14.10 -10.12 -8.33
N LEU B 154 -15.24 -10.05 -7.65
CA LEU B 154 -16.26 -11.09 -7.70
C LEU B 154 -17.45 -10.61 -8.51
N ASN C 4 -26.88 2.96 19.83
CA ASN C 4 -25.51 2.79 20.40
C ASN C 4 -24.44 3.00 19.33
N THR C 5 -23.79 4.16 19.40
CA THR C 5 -22.95 4.66 18.31
C THR C 5 -21.46 4.54 18.61
N PRO C 6 -20.62 4.59 17.57
CA PRO C 6 -19.17 4.62 17.85
C PRO C 6 -18.81 5.72 18.83
N GLU C 7 -19.49 6.84 18.71
CA GLU C 7 -19.28 7.96 19.61
C GLU C 7 -19.60 7.61 21.08
N SER C 8 -20.67 6.86 21.33
CA SER C 8 -20.99 6.46 22.70
C SER C 8 -19.92 5.54 23.26
N ARG C 9 -19.38 4.68 22.39
CA ARG C 9 -18.37 3.73 22.82
C ARG C 9 -17.06 4.43 23.14
N LEU C 10 -16.74 5.47 22.37
CA LEU C 10 -15.60 6.32 22.68
C LEU C 10 -15.78 6.98 24.05
N VAL C 11 -16.98 7.49 24.31
CA VAL C 11 -17.27 8.08 25.61
C VAL C 11 -17.11 7.00 26.71
N ALA C 12 -17.75 5.85 26.55
CA ALA C 12 -17.64 4.78 27.53
C ALA C 12 -16.17 4.34 27.77
N ALA C 13 -15.33 4.46 26.75
CA ALA C 13 -13.92 4.08 26.87
C ALA C 13 -13.08 5.21 27.45
N GLY C 14 -13.73 6.34 27.71
CA GLY C 14 -13.04 7.53 28.20
C GLY C 14 -12.10 8.17 27.19
N LEU C 15 -12.44 8.03 25.91
CA LEU C 15 -11.63 8.55 24.81
C LEU C 15 -12.26 9.80 24.21
N GLU C 16 -11.46 10.85 24.10
CA GLU C 16 -11.89 12.08 23.43
C GLU C 16 -11.22 12.11 22.06
N LEU C 17 -11.97 12.42 21.02
CA LEU C 17 -11.40 12.45 19.68
C LEU C 17 -10.51 13.68 19.56
N PRO C 18 -9.28 13.52 19.08
CA PRO C 18 -8.44 14.70 18.96
C PRO C 18 -8.90 15.62 17.84
N GLU C 19 -8.34 16.83 17.83
CA GLU C 19 -8.47 17.72 16.68
C GLU C 19 -7.69 17.09 15.54
N VAL C 20 -8.24 17.17 14.33
CA VAL C 20 -7.67 16.55 13.16
C VAL C 20 -6.43 17.31 12.71
N ALA C 21 -5.32 16.59 12.56
CA ALA C 21 -4.05 17.21 12.18
C ALA C 21 -4.04 17.66 10.70
N ALA C 22 -3.22 18.67 10.42
CA ALA C 22 -3.04 19.19 9.07
C ALA C 22 -2.17 18.23 8.25
N ALA C 23 -2.44 18.13 6.94
CA ALA C 23 -1.59 17.40 6.02
C ALA C 23 -0.14 17.86 6.16
N LEU C 24 0.83 16.95 5.94
CA LEU C 24 2.25 17.30 5.84
C LEU C 24 2.73 17.81 4.46
N GLY C 25 1.82 17.85 3.48
CA GLY C 25 2.16 18.17 2.10
C GLY C 25 0.88 18.64 1.41
N ASN C 26 0.89 18.67 0.07
CA ASN C 26 -0.23 19.27 -0.66
CA ASN C 26 -0.20 19.27 -0.72
C ASN C 26 -1.25 18.23 -1.09
N TYR C 27 -1.81 17.57 -0.08
CA TYR C 27 -2.74 16.47 -0.28
C TYR C 27 -3.91 16.59 0.70
N GLU C 28 -4.96 15.82 0.44
CA GLU C 28 -6.13 15.84 1.26
C GLU C 28 -6.03 14.83 2.39
N PRO C 29 -6.60 15.19 3.54
CA PRO C 29 -6.63 14.25 4.66
C PRO C 29 -7.49 13.00 4.45
N TYR C 30 -8.43 13.06 3.50
CA TYR C 30 -9.16 11.88 3.08
C TYR C 30 -9.64 12.06 1.68
N SER C 31 -10.00 10.97 1.01
CA SER C 31 -10.67 11.07 -0.25
C SER C 31 -11.76 10.01 -0.33
N ILE C 32 -12.63 10.16 -1.33
CA ILE C 32 -13.80 9.28 -1.49
C ILE C 32 -13.93 8.91 -2.95
N VAL C 33 -14.02 7.62 -3.24
CA VAL C 33 -14.36 7.16 -4.57
C VAL C 33 -15.55 6.20 -4.38
N GLY C 34 -16.66 6.52 -5.02
CA GLY C 34 -17.89 5.79 -4.79
C GLY C 34 -18.27 5.72 -3.33
N SER C 35 -18.32 4.52 -2.79
CA SER C 35 -18.70 4.35 -1.40
C SER C 35 -17.48 4.14 -0.49
N GLN C 36 -16.28 4.37 -1.02
CA GLN C 36 -15.07 4.07 -0.28
C GLN C 36 -14.39 5.36 0.14
N LEU C 37 -14.25 5.52 1.45
CA LEU C 37 -13.60 6.66 2.09
C LEU C 37 -12.25 6.20 2.61
N THR C 39 -8.42 7.51 4.41
CA THR C 39 -7.59 8.56 5.01
C THR C 39 -6.18 8.58 4.44
N SER C 40 -5.53 9.73 4.57
CA SER C 40 -4.10 9.85 4.44
C SER C 40 -3.49 9.38 5.75
N GLY C 41 -2.18 9.48 5.88
CA GLY C 41 -1.52 8.93 7.04
C GLY C 41 -1.82 9.67 8.32
N GLN C 42 -2.12 8.90 9.36
CA GLN C 42 -2.50 9.46 10.65
C GLN C 42 -1.48 9.11 11.70
N PHE C 43 -1.14 10.09 12.55
CA PHE C 43 -0.04 9.97 13.49
C PHE C 43 -0.55 9.87 14.90
N PRO C 44 0.28 9.36 15.83
CA PRO C 44 -0.08 9.37 17.24
C PRO C 44 0.10 10.72 17.93
N TYR C 45 -0.83 11.62 17.64
CA TYR C 45 -0.87 12.93 18.23
C TYR C 45 -1.79 12.94 19.45
N LEU C 46 -1.36 13.66 20.47
CA LEU C 46 -2.21 13.96 21.63
C LEU C 46 -2.01 15.43 21.96
N GLN C 47 -3.10 16.18 21.98
CA GLN C 47 -3.05 17.62 22.26
C GLN C 47 -2.04 18.32 21.35
N GLY C 48 -2.03 17.92 20.09
CA GLY C 48 -1.16 18.50 19.09
C GLY C 48 0.31 18.11 19.17
N LYS C 49 0.67 17.21 20.08
CA LYS C 49 2.05 16.76 20.21
C LYS C 49 2.19 15.34 19.71
N LEU C 50 3.20 15.12 18.87
CA LEU C 50 3.51 13.79 18.40
C LEU C 50 4.17 13.05 19.56
N LEU C 51 3.45 12.09 20.13
CA LEU C 51 3.84 11.46 21.38
C LEU C 51 4.91 10.38 21.25
N TYR C 52 5.03 9.77 20.08
CA TYR C 52 5.96 8.66 19.88
C TYR C 52 6.83 8.97 18.69
N GLN C 53 8.10 9.22 18.96
CA GLN C 53 9.09 9.51 17.95
C GLN C 53 10.28 8.61 18.18
N GLY C 54 10.46 7.62 17.32
CA GLY C 54 11.54 6.69 17.45
C GLY C 54 11.19 5.35 16.86
N GLN C 55 11.79 4.30 17.41
CA GLN C 55 11.78 3.00 16.80
C GLN C 55 11.38 1.91 17.77
N LEU C 56 10.50 1.01 17.32
CA LEU C 56 10.06 -0.11 18.15
C LEU C 56 11.23 -1.03 18.44
N GLY C 57 11.40 -1.38 19.71
CA GLY C 57 12.47 -2.28 20.10
C GLY C 57 13.70 -1.53 20.55
N ALA C 58 13.84 -0.29 20.10
CA ALA C 58 15.00 0.52 20.48
C ALA C 58 14.58 1.60 21.48
N ASP C 59 13.58 2.39 21.10
CA ASP C 59 13.09 3.51 21.90
C ASP C 59 11.81 3.19 22.65
N TYR C 60 11.00 2.33 22.06
CA TYR C 60 9.68 1.98 22.56
C TYR C 60 9.53 0.47 22.65
N THR C 61 8.86 0.03 23.72
CA THR C 61 8.54 -1.38 23.93
C THR C 61 7.31 -1.75 23.11
N VAL C 62 7.00 -3.04 23.04
CA VAL C 62 5.85 -3.47 22.29
C VAL C 62 4.57 -2.87 22.85
N SER C 63 4.44 -2.80 24.18
CA SER C 63 3.23 -2.23 24.80
C SER C 63 3.11 -0.74 24.46
N GLU C 64 4.23 -0.03 24.38
CA GLU C 64 4.21 1.35 23.95
C GLU C 64 3.81 1.49 22.48
N GLY C 65 4.36 0.65 21.62
CA GLY C 65 3.95 0.60 20.20
C GLY C 65 2.45 0.37 20.06
N TYR C 66 1.91 -0.54 20.87
CA TYR C 66 0.48 -0.79 20.92
C TYR C 66 -0.29 0.49 21.27
N ALA C 67 0.18 1.16 22.29
CA ALA C 67 -0.41 2.43 22.70
C ALA C 67 -0.36 3.46 21.59
N ALA C 68 0.77 3.48 20.87
CA ALA C 68 0.99 4.42 19.76
C ALA C 68 0.05 4.15 18.60
N CYS C 69 -0.11 2.90 18.23
CA CYS C 69 -1.03 2.54 17.16
C CYS C 69 -2.50 2.81 17.54
N ARG C 70 -2.82 2.60 18.80
CA ARG C 70 -4.14 2.96 19.32
C ARG C 70 -4.38 4.47 19.15
N LEU C 71 -3.41 5.29 19.56
CA LEU C 71 -3.56 6.76 19.47
C LEU C 71 -3.62 7.25 18.02
N ALA C 72 -2.78 6.70 17.16
CA ALA C 72 -2.85 7.04 15.72
C ALA C 72 -4.22 6.67 15.12
N THR C 73 -4.78 5.55 15.56
CA THR C 73 -6.10 5.12 15.09
C THR C 73 -7.18 6.03 15.63
N LEU C 74 -7.05 6.46 16.86
CA LEU C 74 -7.99 7.45 17.39
C LEU C 74 -7.99 8.73 16.52
N ASN C 75 -6.78 9.15 16.14
CA ASN C 75 -6.64 10.26 15.19
C ASN C 75 -7.32 9.95 13.85
N ALA C 76 -7.12 8.73 13.34
CA ALA C 76 -7.75 8.31 12.08
C ALA C 76 -9.28 8.31 12.18
N ILE C 77 -9.81 7.89 13.33
CA ILE C 77 -11.26 7.91 13.56
C ILE C 77 -11.78 9.35 13.62
N ALA C 78 -11.01 10.25 14.22
CA ALA C 78 -11.34 11.67 14.22
C ALA C 78 -11.47 12.17 12.79
N GLN C 79 -10.56 11.71 11.93
CA GLN C 79 -10.56 12.11 10.54
C GLN C 79 -11.79 11.57 9.80
N LEU C 80 -12.15 10.32 10.08
CA LEU C 80 -13.34 9.72 9.50
C LEU C 80 -14.58 10.46 9.99
N LYS C 81 -14.64 10.85 11.26
CA LYS C 81 -15.83 11.57 11.78
C LYS C 81 -15.98 12.93 11.07
N GLN C 82 -14.86 13.61 10.88
CA GLN C 82 -14.85 14.87 10.16
C GLN C 82 -15.43 14.72 8.77
N ALA C 83 -15.07 13.62 8.11
CA ALA C 83 -15.54 13.35 6.77
C ALA C 83 -17.01 12.94 6.69
N CYS C 84 -17.53 12.20 7.66
CA CYS C 84 -18.87 11.69 7.48
C CYS C 84 -19.88 12.18 8.51
N GLY C 85 -19.46 12.97 9.51
CA GLY C 85 -20.40 13.61 10.44
C GLY C 85 -20.71 12.72 11.60
N GLU C 86 -21.37 11.61 11.31
CA GLU C 86 -21.78 10.65 12.31
C GLU C 86 -21.07 9.39 11.93
N LEU C 87 -20.32 8.82 12.86
CA LEU C 87 -19.60 7.57 12.59
C LEU C 87 -20.55 6.38 12.37
N SER C 88 -21.80 6.48 12.82
CA SER C 88 -22.81 5.45 12.54
C SER C 88 -23.09 5.30 11.04
N ARG C 89 -22.75 6.33 10.26
CA ARG C 89 -22.88 6.29 8.79
CA ARG C 89 -22.92 6.26 8.80
C ARG C 89 -21.93 5.28 8.15
N ILE C 90 -20.87 4.91 8.85
CA ILE C 90 -19.91 3.97 8.29
C ILE C 90 -20.45 2.55 8.33
N LYS C 91 -20.57 1.92 7.17
CA LYS C 91 -21.02 0.54 7.11
C LYS C 91 -19.98 -0.42 7.65
N GLN C 92 -18.72 -0.19 7.32
CA GLN C 92 -17.63 -0.99 7.82
C GLN C 92 -16.31 -0.28 7.66
N ILE C 93 -15.43 -0.51 8.62
CA ILE C 93 -14.03 -0.20 8.46
C ILE C 93 -13.42 -1.46 7.88
N TYR C 94 -13.30 -1.55 6.55
CA TYR C 94 -12.95 -2.82 5.93
C TYR C 94 -11.44 -3.07 5.85
N ARG C 95 -10.64 -2.04 6.02
CA ARG C 95 -9.19 -2.19 5.88
C ARG C 95 -8.43 -1.21 6.79
N LEU C 96 -7.39 -1.74 7.44
CA LEU C 96 -6.40 -0.98 8.21
C LEU C 96 -5.06 -1.22 7.54
N GLU C 97 -4.28 -0.17 7.29
CA GLU C 97 -2.93 -0.33 6.82
C GLU C 97 -2.04 0.49 7.70
N GLY C 98 -1.03 -0.15 8.29
CA GLY C 98 -0.15 0.49 9.25
C GLY C 98 1.32 0.30 8.96
N VAL C 99 2.09 1.33 9.27
CA VAL C 99 3.54 1.38 9.08
C VAL C 99 4.20 1.68 10.42
N LEU C 100 5.24 0.91 10.77
CA LEU C 100 6.01 1.13 11.96
C LEU C 100 7.49 1.21 11.67
N ASN C 101 8.23 1.96 12.50
CA ASN C 101 9.67 1.92 12.42
C ASN C 101 10.11 0.93 13.49
N VAL C 102 10.78 -0.14 13.06
CA VAL C 102 11.03 -1.30 13.92
C VAL C 102 12.50 -1.71 13.85
N HIS C 103 13.11 -1.90 15.01
CA HIS C 103 14.48 -2.36 15.08
C HIS C 103 14.59 -3.82 14.67
N GLN C 104 15.73 -4.20 14.09
CA GLN C 104 15.94 -5.57 13.61
C GLN C 104 15.78 -6.63 14.70
N SER C 105 16.03 -6.26 15.96
CA SER C 105 15.90 -7.18 17.10
C SER C 105 14.45 -7.51 17.50
N CYS C 106 13.48 -6.86 16.85
CA CYS C 106 12.08 -6.99 17.22
C CYS C 106 11.24 -7.42 16.04
N ILE C 107 10.50 -8.52 16.14
CA ILE C 107 9.50 -8.86 15.11
C ILE C 107 8.08 -8.89 15.68
N GLU C 108 7.87 -8.24 16.83
CA GLU C 108 6.58 -8.23 17.49
C GLU C 108 5.72 -7.06 17.05
N HIS C 109 6.02 -6.49 15.90
CA HIS C 109 5.23 -5.36 15.42
C HIS C 109 3.76 -5.72 15.12
N PRO C 110 3.47 -6.99 14.76
CA PRO C 110 2.05 -7.24 14.61
C PRO C 110 1.27 -7.01 15.93
N LYS C 111 1.91 -7.26 17.07
CA LYS C 111 1.30 -6.98 18.36
C LYS C 111 1.12 -5.49 18.58
N ALA C 112 2.09 -4.69 18.17
CA ALA C 112 1.93 -3.23 18.24
C ALA C 112 0.73 -2.81 17.39
N LEU C 113 0.62 -3.32 16.16
CA LEU C 113 -0.47 -2.90 15.31
C LEU C 113 -1.86 -3.34 15.80
N ASP C 114 -1.90 -4.35 16.66
CA ASP C 114 -3.15 -4.72 17.35
C ASP C 114 -3.70 -3.59 18.18
N GLY C 115 -2.87 -2.62 18.53
CA GLY C 115 -3.39 -1.41 19.15
C GLY C 115 -4.42 -0.71 18.28
N ALA C 116 -4.16 -0.71 16.97
CA ALA C 116 -5.11 -0.17 15.97
C ALA C 116 -6.28 -1.13 15.82
N SER C 117 -6.01 -2.39 15.52
CA SER C 117 -7.10 -3.36 15.29
C SER C 117 -8.07 -3.43 16.47
N ASP C 118 -7.53 -3.51 17.67
CA ASP C 118 -8.34 -3.66 18.85
C ASP C 118 -9.25 -2.45 19.04
N LEU C 119 -8.77 -1.24 18.75
CA LEU C 119 -9.61 -0.06 18.94
C LEU C 119 -10.76 -0.06 17.93
N LEU C 120 -10.48 -0.47 16.71
CA LEU C 120 -11.50 -0.52 15.67
C LEU C 120 -12.64 -1.41 16.10
N LEU C 121 -12.30 -2.57 16.66
CA LEU C 121 -13.32 -3.52 17.10
C LEU C 121 -14.07 -2.99 18.33
N GLU C 122 -13.33 -2.37 19.24
CA GLU C 122 -13.93 -1.78 20.45
C GLU C 122 -14.93 -0.70 20.10
N ILE C 123 -14.59 0.14 19.13
CA ILE C 123 -15.37 1.33 18.84
C ILE C 123 -16.44 1.07 17.81
N PHE C 124 -16.15 0.26 16.80
CA PHE C 124 -17.13 -0.02 15.73
C PHE C 124 -17.82 -1.37 15.80
N GLY C 125 -17.43 -2.20 16.75
CA GLY C 125 -18.06 -3.52 16.89
C GLY C 125 -17.86 -4.37 15.66
N GLU C 126 -18.94 -5.03 15.22
CA GLU C 126 -18.85 -5.87 14.04
C GLU C 126 -18.52 -5.07 12.80
N ALA C 127 -18.90 -3.78 12.77
CA ALA C 127 -18.55 -2.87 11.69
C ALA C 127 -17.03 -2.58 11.62
N GLY C 128 -16.29 -2.96 12.66
CA GLY C 128 -14.86 -2.70 12.74
C GLY C 128 -14.00 -3.89 12.38
N ARG C 129 -14.62 -4.99 11.96
CA ARG C 129 -13.86 -6.17 11.53
C ARG C 129 -13.24 -5.86 10.18
N HIS C 130 -11.93 -6.00 10.10
CA HIS C 130 -11.16 -5.50 8.97
C HIS C 130 -10.05 -6.47 8.57
N SER C 131 -9.68 -6.43 7.31
CA SER C 131 -8.41 -6.98 6.86
C SER C 131 -7.32 -5.93 7.15
N ARG C 132 -6.05 -6.31 7.06
CA ARG C 132 -5.00 -5.36 7.30
C ARG C 132 -3.74 -5.67 6.57
N ILE C 134 0.57 -4.54 6.95
CA ILE C 134 1.53 -4.04 7.91
C ILE C 134 2.85 -3.87 7.12
N TRP C 135 3.57 -2.77 7.41
CA TRP C 135 4.89 -2.54 6.86
C TRP C 135 5.82 -2.03 7.95
N THR C 136 7.11 -2.28 7.77
CA THR C 136 8.12 -1.54 8.50
C THR C 136 8.87 -0.66 7.48
N ASN C 137 9.20 0.57 7.88
CA ASN C 137 9.99 1.45 7.05
C ASN C 137 11.12 2.01 7.90
N PRO C 138 12.28 2.26 7.29
CA PRO C 138 13.43 2.72 8.08
C PRO C 138 13.36 4.18 8.52
N VAL C 139 12.63 4.99 7.77
CA VAL C 139 12.56 6.43 8.04
C VAL C 139 11.11 6.83 7.96
N PRO C 141 7.93 9.94 8.51
CA PRO C 141 7.72 11.39 8.59
C PRO C 141 7.70 11.79 10.08
N LEU C 142 8.33 12.90 10.37
CA LEU C 142 8.40 13.46 11.74
C LEU C 142 9.07 12.52 12.73
N ASN C 143 9.79 11.53 12.22
CA ASN C 143 10.33 10.46 13.07
C ASN C 143 9.27 9.74 13.90
N SER C 144 8.04 9.70 13.39
CA SER C 144 6.96 9.05 14.11
C SER C 144 7.27 7.54 14.24
N LEU C 145 6.85 6.96 15.34
CA LEU C 145 6.99 5.53 15.53
C LEU C 145 6.08 4.78 14.54
N CYS C 146 4.94 5.39 14.22
CA CYS C 146 3.94 4.71 13.42
C CYS C 146 3.06 5.69 12.62
N LEU C 147 2.42 5.12 11.61
CA LEU C 147 1.46 5.81 10.77
C LEU C 147 0.35 4.81 10.48
N VAL C 148 -0.89 5.26 10.56
CA VAL C 148 -2.07 4.44 10.37
C VAL C 148 -2.95 5.06 9.28
N TYR C 149 -3.51 4.20 8.42
CA TYR C 149 -4.45 4.58 7.37
C TYR C 149 -5.68 3.68 7.51
N LEU C 150 -6.87 4.27 7.38
CA LEU C 150 -8.14 3.54 7.45
C LEU C 150 -8.93 3.70 6.16
N PHE C 151 -9.68 2.65 5.82
CA PHE C 151 -10.56 2.61 4.66
C PHE C 151 -11.94 2.18 5.16
N ALA C 152 -12.94 2.97 4.81
CA ALA C 152 -14.29 2.80 5.27
C ALA C 152 -15.26 2.74 4.11
N GLU C 153 -16.31 1.94 4.27
CA GLU C 153 -17.42 1.88 3.35
C GLU C 153 -18.57 2.71 3.90
N LEU C 154 -19.10 3.61 3.07
CA LEU C 154 -20.27 4.41 3.42
C LEU C 154 -21.48 3.86 2.68
#